data_6O34
#
_entry.id   6O34
#
_cell.length_a   48.951
_cell.length_b   48.951
_cell.length_c   137.421
_cell.angle_alpha   90.000
_cell.angle_beta   90.000
_cell.angle_gamma   90.000
#
_symmetry.space_group_name_H-M   'P 43 21 2'
#
loop_
_entity.id
_entity.type
_entity.pdbx_description
1 polymer 'Peptidyl-prolyl cis-trans isomerase NIMA-interacting 1'
2 polymer peptide
3 non-polymer 'NONAETHYLENE GLYCOL'
4 non-polymer GLYCEROL
5 non-polymer 'SULFATE ION'
6 water water
#
loop_
_entity_poly.entity_id
_entity_poly.type
_entity_poly.pdbx_seq_one_letter_code
_entity_poly.pdbx_strand_id
1 'polypeptide(L)'
;MADEEKLPPGWEKRMSRSSGRVYYFNHITNASQWRRPSGNSSSGGKNGQGEPARVRCSHLLVKHSQSRRPSSWRQEQITR
TQEEALELINGYIQKIKSGEEDFESLASQFSDCSSAKARGDLGAFSRGQMQKPFEDASFALRTGEMSGPVFTDSGIHIIL
RTE
;
A
2 'polypeptide(L)' (ACE)(MEA)(YCP)W(CIR)(NH2) B
#
loop_
_chem_comp.id
_chem_comp.type
_chem_comp.name
_chem_comp.formula
2PE non-polymer 'NONAETHYLENE GLYCOL' 'C18 H38 O10'
ACE non-polymer 'ACETYL GROUP' 'C2 H4 O'
GOL non-polymer GLYCEROL 'C3 H8 O3'
NH2 non-polymer 'AMINO GROUP' 'H2 N'
SO4 non-polymer 'SULFATE ION' 'O4 S -2'
#
# COMPACT_ATOMS: atom_id res chain seq x y z
N LYS A 6 20.98 -9.68 6.59
CA LYS A 6 20.79 -10.74 5.62
C LYS A 6 19.69 -10.37 4.62
N LEU A 7 18.54 -9.96 5.14
CA LEU A 7 17.41 -9.51 4.34
C LEU A 7 17.31 -8.00 4.38
N PRO A 8 16.71 -7.40 3.35
CA PRO A 8 16.60 -5.92 3.29
C PRO A 8 15.73 -5.39 4.42
N PRO A 9 15.77 -4.08 4.67
CA PRO A 9 15.05 -3.51 5.81
C PRO A 9 13.57 -3.90 5.84
N GLY A 10 13.13 -4.36 7.00
CA GLY A 10 11.75 -4.73 7.22
C GLY A 10 11.41 -6.18 6.92
N TRP A 11 12.25 -6.88 6.16
CA TRP A 11 11.93 -8.21 5.68
C TRP A 11 12.28 -9.27 6.72
N GLU A 12 11.41 -10.27 6.83
CA GLU A 12 11.65 -11.42 7.70
C GLU A 12 11.04 -12.65 7.06
N LYS A 13 11.62 -13.80 7.38
CA LYS A 13 11.11 -15.08 6.92
C LYS A 13 10.05 -15.59 7.88
N ARG A 14 8.86 -15.87 7.36
CA ARG A 14 7.71 -16.26 8.15
C ARG A 14 7.10 -17.54 7.58
N MET A 15 6.10 -18.06 8.29
CA MET A 15 5.34 -19.20 7.79
C MET A 15 3.90 -19.07 8.25
N SER A 16 3.00 -19.74 7.52
CA SER A 16 1.57 -19.62 7.78
C SER A 16 1.18 -20.48 8.97
N ARG A 17 0.37 -19.92 9.87
CA ARG A 17 -0.26 -20.73 10.91
C ARG A 17 -1.36 -21.60 10.32
N SER A 18 -2.09 -21.07 9.34
CA SER A 18 -3.11 -21.86 8.66
C SER A 18 -2.48 -23.06 7.95
N SER A 19 -1.56 -22.79 7.03
N SER A 19 -1.56 -22.79 7.03
CA SER A 19 -0.89 -23.84 6.27
CA SER A 19 -0.90 -23.85 6.28
C SER A 19 0.37 -24.30 6.99
C SER A 19 0.37 -24.30 6.99
N GLY A 20 1.51 -23.78 6.57
CA GLY A 20 2.80 -24.16 7.12
C GLY A 20 3.88 -23.82 6.13
N ARG A 21 3.46 -23.23 5.00
CA ARG A 21 4.38 -22.85 3.95
C ARG A 21 5.14 -21.59 4.33
N VAL A 22 6.42 -21.57 4.00
CA VAL A 22 7.30 -20.44 4.29
C VAL A 22 7.02 -19.32 3.29
N TYR A 23 7.07 -18.08 3.78
CA TYR A 23 7.02 -16.92 2.91
C TYR A 23 7.83 -15.80 3.56
N TYR A 24 7.87 -14.65 2.89
CA TYR A 24 8.63 -13.49 3.35
C TYR A 24 7.69 -12.32 3.56
N PHE A 25 7.88 -11.63 4.69
CA PHE A 25 6.99 -10.58 5.12
C PHE A 25 7.80 -9.36 5.51
N ASN A 26 7.34 -8.19 5.08
CA ASN A 26 7.96 -6.93 5.43
C ASN A 26 7.07 -6.25 6.46
N HIS A 27 7.59 -6.07 7.67
CA HIS A 27 6.76 -5.51 8.74
C HIS A 27 6.61 -4.00 8.66
N ILE A 28 7.27 -3.35 7.71
CA ILE A 28 7.13 -1.92 7.50
C ILE A 28 6.12 -1.62 6.39
N THR A 29 6.17 -2.38 5.30
CA THR A 29 5.25 -2.20 4.19
C THR A 29 4.07 -3.15 4.25
N ASN A 30 4.10 -4.16 5.12
CA ASN A 30 3.09 -5.20 5.23
C ASN A 30 2.97 -6.05 3.97
N ALA A 31 4.00 -6.01 3.12
CA ALA A 31 4.02 -6.84 1.93
C ALA A 31 4.36 -8.28 2.29
N SER A 32 3.77 -9.22 1.54
CA SER A 32 4.06 -10.63 1.67
C SER A 32 4.31 -11.22 0.29
N GLN A 33 5.25 -12.16 0.21
CA GLN A 33 5.58 -12.79 -1.06
C GLN A 33 6.30 -14.11 -0.80
N TRP A 34 6.15 -15.03 -1.76
CA TRP A 34 6.83 -16.31 -1.65
C TRP A 34 8.32 -16.18 -1.92
N ARG A 35 8.71 -15.18 -2.71
CA ARG A 35 10.07 -15.05 -3.20
C ARG A 35 10.95 -14.41 -2.14
N ARG A 36 12.15 -14.96 -1.96
CA ARG A 36 13.12 -14.32 -1.08
C ARG A 36 13.41 -12.91 -1.59
N PRO A 37 13.31 -11.87 -0.75
CA PRO A 37 13.41 -10.50 -1.25
C PRO A 37 14.81 -10.09 -1.68
N SER A 38 15.82 -10.94 -1.48
CA SER A 38 17.17 -10.64 -1.93
C SER A 38 17.90 -11.94 -2.17
N GLY A 39 18.84 -11.93 -3.11
CA GLY A 39 19.60 -13.12 -3.45
C GLY A 39 20.55 -13.58 -2.37
N GLY A 48 25.50 -0.20 4.37
CA GLY A 48 25.30 1.18 4.74
C GLY A 48 24.76 2.04 3.62
N GLN A 49 23.63 1.61 3.04
CA GLN A 49 23.00 2.35 1.95
C GLN A 49 21.83 3.21 2.41
N GLY A 50 21.23 2.91 3.56
CA GLY A 50 20.14 3.70 4.09
C GLY A 50 18.94 3.70 3.14
N GLU A 51 18.12 4.75 3.29
CA GLU A 51 16.95 4.97 2.47
C GLU A 51 17.28 5.91 1.33
N PRO A 52 16.48 5.90 0.26
CA PRO A 52 16.54 7.00 -0.70
C PRO A 52 16.05 8.30 -0.06
N ALA A 53 16.66 9.41 -0.48
CA ALA A 53 16.30 10.70 0.09
C ALA A 53 14.92 11.16 -0.38
N ARG A 54 14.51 10.74 -1.57
CA ARG A 54 13.20 11.07 -2.12
C ARG A 54 12.68 9.87 -2.89
N VAL A 55 11.37 9.69 -2.88
CA VAL A 55 10.73 8.62 -3.65
C VAL A 55 9.51 9.19 -4.35
N ARG A 56 9.09 8.50 -5.41
CA ARG A 56 7.84 8.77 -6.09
C ARG A 56 6.96 7.53 -5.97
N CYS A 57 5.71 7.73 -5.55
CA CYS A 57 4.80 6.62 -5.32
C CYS A 57 3.42 6.91 -5.91
N SER A 58 2.76 5.84 -6.32
CA SER A 58 1.33 5.84 -6.56
C SER A 58 0.65 5.11 -5.42
N HIS A 59 -0.65 5.33 -5.26
CA HIS A 59 -1.36 4.59 -4.22
C HIS A 59 -2.82 4.39 -4.59
N LEU A 60 -3.42 3.38 -3.96
CA LEU A 60 -4.85 3.11 -4.03
C LEU A 60 -5.38 3.16 -2.61
N LEU A 61 -6.29 4.11 -2.34
CA LEU A 61 -6.84 4.29 -1.02
C LEU A 61 -8.27 3.76 -0.97
N VAL A 62 -8.56 2.97 0.05
CA VAL A 62 -9.92 2.53 0.34
C VAL A 62 -10.30 3.12 1.70
N LYS A 63 -11.25 4.06 1.69
CA LYS A 63 -11.70 4.71 2.91
C LYS A 63 -12.74 3.84 3.61
N HIS A 64 -13.04 4.20 4.85
CA HIS A 64 -14.08 3.52 5.61
C HIS A 64 -14.77 4.56 6.50
N SER A 65 -15.78 4.11 7.24
CA SER A 65 -16.61 5.03 8.02
C SER A 65 -15.82 5.77 9.09
N GLN A 66 -14.67 5.24 9.49
CA GLN A 66 -13.84 5.88 10.51
C GLN A 66 -12.70 6.68 9.92
N SER A 67 -12.64 6.83 8.60
CA SER A 67 -11.62 7.65 7.97
C SER A 67 -11.81 9.12 8.37
N ARG A 68 -10.71 9.87 8.31
CA ARG A 68 -10.73 11.25 8.80
C ARG A 68 -11.75 12.10 8.02
N ARG A 69 -11.90 11.85 6.73
CA ARG A 69 -12.97 12.44 5.93
C ARG A 69 -13.68 11.31 5.21
N PRO A 70 -14.77 10.77 5.77
CA PRO A 70 -15.44 9.63 5.13
C PRO A 70 -16.21 10.02 3.89
N SER A 71 -15.51 10.52 2.88
CA SER A 71 -16.13 10.89 1.60
C SER A 71 -15.05 10.95 0.54
N SER A 72 -15.49 10.83 -0.72
CA SER A 72 -14.56 10.87 -1.84
C SER A 72 -15.35 11.14 -3.12
N TRP A 73 -14.62 11.31 -4.22
CA TRP A 73 -15.27 11.44 -5.52
C TRP A 73 -16.07 10.20 -5.89
N ARG A 74 -15.73 9.04 -5.32
CA ARG A 74 -16.45 7.80 -5.60
C ARG A 74 -17.79 7.73 -4.89
N GLN A 75 -17.92 8.37 -3.75
CA GLN A 75 -19.20 8.48 -3.06
C GLN A 75 -19.07 9.52 -1.96
N GLU A 76 -20.08 10.39 -1.86
CA GLU A 76 -20.06 11.48 -0.88
C GLU A 76 -20.18 11.00 0.56
N GLN A 77 -20.50 9.73 0.78
CA GLN A 77 -20.67 9.19 2.14
C GLN A 77 -20.13 7.76 2.17
N ILE A 78 -18.92 7.60 2.70
CA ILE A 78 -18.34 6.28 2.89
C ILE A 78 -18.95 5.65 4.14
N THR A 79 -19.54 4.46 3.98
CA THR A 79 -20.18 3.77 5.09
C THR A 79 -19.60 2.38 5.36
N ARG A 80 -18.67 1.91 4.54
CA ARG A 80 -18.10 0.59 4.76
C ARG A 80 -17.27 0.60 6.04
N THR A 81 -17.19 -0.57 6.67
CA THR A 81 -16.40 -0.70 7.89
C THR A 81 -14.93 -0.90 7.54
N GLN A 82 -14.08 -0.76 8.55
CA GLN A 82 -12.65 -0.96 8.34
C GLN A 82 -12.37 -2.37 7.83
N GLU A 83 -13.11 -3.36 8.33
CA GLU A 83 -12.92 -4.74 7.88
C GLU A 83 -13.32 -4.92 6.43
N GLU A 84 -14.45 -4.31 6.02
CA GLU A 84 -14.84 -4.38 4.62
C GLU A 84 -13.84 -3.67 3.73
N ALA A 85 -13.27 -2.56 4.21
CA ALA A 85 -12.23 -1.88 3.45
C ALA A 85 -10.98 -2.74 3.33
N LEU A 86 -10.61 -3.42 4.40
CA LEU A 86 -9.46 -4.32 4.34
C LEU A 86 -9.70 -5.47 3.38
N GLU A 87 -10.91 -6.02 3.38
CA GLU A 87 -11.23 -7.11 2.46
C GLU A 87 -11.17 -6.64 1.02
N LEU A 88 -11.55 -5.38 0.77
CA LEU A 88 -11.41 -4.83 -0.58
C LEU A 88 -9.94 -4.68 -0.95
N ILE A 89 -9.14 -4.14 -0.03
CA ILE A 89 -7.70 -3.98 -0.28
C ILE A 89 -7.05 -5.32 -0.59
N ASN A 90 -7.35 -6.33 0.21
CA ASN A 90 -6.78 -7.66 -0.03
C ASN A 90 -7.21 -8.20 -1.38
N GLY A 91 -8.46 -7.94 -1.78
CA GLY A 91 -8.90 -8.38 -3.10
C GLY A 91 -8.16 -7.70 -4.22
N TYR A 92 -7.91 -6.38 -4.09
CA TYR A 92 -7.16 -5.67 -5.12
C TYR A 92 -5.72 -6.18 -5.19
N ILE A 93 -5.11 -6.44 -4.05
CA ILE A 93 -3.75 -6.99 -4.04
C ILE A 93 -3.72 -8.33 -4.78
N GLN A 94 -4.71 -9.19 -4.50
CA GLN A 94 -4.76 -10.49 -5.15
C GLN A 94 -4.93 -10.38 -6.65
N LYS A 95 -5.77 -9.44 -7.11
CA LYS A 95 -5.97 -9.26 -8.54
C LYS A 95 -4.70 -8.76 -9.21
N ILE A 96 -3.95 -7.88 -8.54
CA ILE A 96 -2.73 -7.35 -9.12
C ILE A 96 -1.67 -8.45 -9.22
N LYS A 97 -1.49 -9.22 -8.15
CA LYS A 97 -0.50 -10.29 -8.14
C LYS A 97 -0.84 -11.39 -9.13
N SER A 98 -2.12 -11.63 -9.37
CA SER A 98 -2.53 -12.67 -10.31
C SER A 98 -2.29 -12.26 -11.76
N GLY A 99 -2.18 -10.97 -12.02
CA GLY A 99 -2.10 -10.45 -13.36
C GLY A 99 -3.45 -10.10 -13.97
N GLU A 100 -4.55 -10.41 -13.28
CA GLU A 100 -5.87 -10.14 -13.85
C GLU A 100 -6.12 -8.65 -13.99
N GLU A 101 -5.65 -7.86 -13.03
CA GLU A 101 -5.81 -6.41 -13.07
C GLU A 101 -4.45 -5.75 -12.86
N ASP A 102 -4.38 -4.49 -13.26
CA ASP A 102 -3.18 -3.68 -13.16
C ASP A 102 -3.37 -2.62 -12.08
N PHE A 103 -2.28 -2.26 -11.41
CA PHE A 103 -2.36 -1.32 -10.29
C PHE A 103 -2.95 0.00 -10.72
N GLU A 104 -2.41 0.62 -11.77
CA GLU A 104 -2.89 1.93 -12.21
C GLU A 104 -4.36 1.86 -12.60
N SER A 105 -4.77 0.81 -13.31
CA SER A 105 -6.16 0.68 -13.71
C SER A 105 -7.07 0.62 -12.49
N LEU A 106 -6.68 -0.13 -11.46
CA LEU A 106 -7.50 -0.25 -10.26
C LEU A 106 -7.54 1.06 -9.48
N ALA A 107 -6.40 1.73 -9.35
CA ALA A 107 -6.39 3.02 -8.67
C ALA A 107 -7.28 4.03 -9.37
N SER A 108 -7.27 4.04 -10.71
CA SER A 108 -8.09 4.98 -11.45
C SER A 108 -9.57 4.78 -11.16
N GLN A 109 -10.00 3.54 -11.00
CA GLN A 109 -11.43 3.23 -10.85
C GLN A 109 -11.90 3.24 -9.40
N PHE A 110 -11.08 2.76 -8.47
CA PHE A 110 -11.57 2.43 -7.14
C PHE A 110 -10.90 3.18 -5.99
N SER A 111 -9.86 3.96 -6.25
CA SER A 111 -9.21 4.69 -5.17
C SER A 111 -10.11 5.82 -4.69
N ASP A 112 -10.25 5.94 -3.37
CA ASP A 112 -11.07 6.99 -2.77
C ASP A 112 -10.28 8.29 -2.65
N CYS A 113 -9.13 8.35 -3.30
CA CYS A 113 -8.29 9.57 -3.27
C CYS A 113 -8.37 10.29 -4.59
N SER A 114 -8.30 11.62 -4.54
CA SER A 114 -8.38 12.45 -5.74
C SER A 114 -7.23 12.18 -6.71
N SER A 115 -6.16 11.53 -6.22
CA SER A 115 -5.07 11.15 -7.10
C SER A 115 -5.45 10.07 -8.10
N ALA A 116 -6.66 9.49 -7.97
CA ALA A 116 -7.13 8.53 -8.95
C ALA A 116 -7.14 9.11 -10.35
N LYS A 117 -7.39 10.42 -10.48
CA LYS A 117 -7.33 11.07 -11.78
C LYS A 117 -5.92 11.06 -12.36
N ALA A 118 -4.90 10.86 -11.54
CA ALA A 118 -3.52 10.71 -12.00
C ALA A 118 -3.07 9.25 -11.97
N ARG A 119 -4.02 8.32 -12.11
CA ARG A 119 -3.75 6.89 -12.02
C ARG A 119 -3.07 6.54 -10.69
N GLY A 120 -3.44 7.24 -9.63
CA GLY A 120 -2.89 7.00 -8.31
C GLY A 120 -1.59 7.73 -8.00
N ASP A 121 -1.01 8.40 -8.99
CA ASP A 121 0.30 9.03 -8.82
C ASP A 121 0.22 10.19 -7.82
N LEU A 122 1.14 10.20 -6.87
CA LEU A 122 1.26 11.29 -5.90
C LEU A 122 2.47 12.19 -6.17
N GLY A 123 3.30 11.85 -7.14
CA GLY A 123 4.54 12.57 -7.35
C GLY A 123 5.58 12.20 -6.32
N ALA A 124 6.69 12.93 -6.37
CA ALA A 124 7.83 12.66 -5.48
C ALA A 124 7.67 13.41 -4.17
N PHE A 125 8.17 12.80 -3.10
CA PHE A 125 8.07 13.42 -1.78
C PHE A 125 9.26 13.00 -0.92
N SER A 126 9.52 13.79 0.12
CA SER A 126 10.57 13.54 1.08
C SER A 126 9.97 13.14 2.42
N ARG A 127 10.85 12.78 3.36
CA ARG A 127 10.39 12.48 4.72
C ARG A 127 9.74 13.72 5.33
N GLY A 128 8.77 13.48 6.22
CA GLY A 128 8.07 14.55 6.88
C GLY A 128 6.98 15.21 6.08
N GLN A 129 6.58 14.64 4.94
CA GLN A 129 5.58 15.25 4.09
C GLN A 129 4.29 14.44 3.98
N MET A 130 4.36 13.12 4.15
CA MET A 130 3.19 12.26 4.16
C MET A 130 2.91 11.79 5.58
N GLN A 131 1.73 11.20 5.76
CA GLN A 131 1.40 10.59 7.04
C GLN A 131 2.43 9.51 7.38
N LYS A 132 2.79 9.42 8.66
CA LYS A 132 3.91 8.58 9.08
C LYS A 132 3.82 7.13 8.62
N PRO A 133 2.69 6.43 8.75
CA PRO A 133 2.66 5.05 8.25
C PRO A 133 2.82 4.96 6.74
N PHE A 134 2.23 5.91 6.01
CA PHE A 134 2.45 5.97 4.57
C PHE A 134 3.91 6.22 4.25
N GLU A 135 4.53 7.17 4.95
CA GLU A 135 5.92 7.51 4.70
C GLU A 135 6.84 6.32 5.00
N ASP A 136 6.65 5.69 6.16
CA ASP A 136 7.49 4.55 6.54
C ASP A 136 7.44 3.45 5.49
N ALA A 137 6.24 3.11 5.02
CA ALA A 137 6.13 2.07 3.99
C ALA A 137 6.78 2.52 2.69
N SER A 138 6.54 3.77 2.28
CA SER A 138 7.02 4.24 0.98
C SER A 138 8.55 4.18 0.89
N PHE A 139 9.23 4.63 1.95
CA PHE A 139 10.69 4.65 1.91
C PHE A 139 11.31 3.28 2.15
N ALA A 140 10.51 2.30 2.57
CA ALA A 140 11.00 0.93 2.72
C ALA A 140 10.80 0.10 1.47
N LEU A 141 10.02 0.59 0.51
CA LEU A 141 9.86 -0.11 -0.76
C LEU A 141 11.07 0.16 -1.64
N ARG A 142 11.46 -0.85 -2.39
CA ARG A 142 12.43 -0.65 -3.46
C ARG A 142 11.68 -0.29 -4.73
N THR A 143 12.40 0.28 -5.69
CA THR A 143 11.75 0.76 -6.91
C THR A 143 11.01 -0.39 -7.59
N GLY A 144 9.73 -0.15 -7.88
CA GLY A 144 8.88 -1.14 -8.50
C GLY A 144 8.10 -2.01 -7.54
N GLU A 145 8.37 -1.95 -6.25
CA GLU A 145 7.72 -2.82 -5.28
C GLU A 145 6.38 -2.24 -4.83
N MET A 146 5.50 -3.15 -4.42
CA MET A 146 4.17 -2.82 -3.94
C MET A 146 4.03 -3.21 -2.48
N SER A 147 3.39 -2.34 -1.70
CA SER A 147 3.15 -2.59 -0.29
C SER A 147 1.99 -3.56 -0.10
N GLY A 148 1.84 -4.04 1.13
CA GLY A 148 0.60 -4.64 1.57
C GLY A 148 -0.34 -3.56 2.07
N PRO A 149 -1.34 -3.94 2.85
CA PRO A 149 -2.25 -2.93 3.43
C PRO A 149 -1.50 -2.03 4.39
N VAL A 150 -1.61 -0.72 4.17
CA VAL A 150 -0.99 0.29 5.01
C VAL A 150 -2.10 1.14 5.61
N PHE A 151 -2.14 1.21 6.94
CA PHE A 151 -3.22 1.85 7.67
C PHE A 151 -2.81 3.27 8.06
N THR A 152 -3.60 4.26 7.64
CA THR A 152 -3.43 5.65 8.04
C THR A 152 -4.76 6.19 8.55
N ASP A 153 -4.74 7.46 8.98
CA ASP A 153 -5.98 8.10 9.39
C ASP A 153 -6.94 8.31 8.22
N SER A 154 -6.44 8.26 6.99
CA SER A 154 -7.29 8.43 5.82
C SER A 154 -8.00 7.15 5.40
N GLY A 155 -7.45 5.99 5.77
CA GLY A 155 -7.98 4.72 5.35
C GLY A 155 -6.86 3.73 5.16
N ILE A 156 -7.11 2.73 4.31
CA ILE A 156 -6.15 1.67 4.02
C ILE A 156 -5.61 1.91 2.61
N HIS A 157 -4.28 1.85 2.48
CA HIS A 157 -3.60 2.10 1.22
C HIS A 157 -2.90 0.86 0.68
N ILE A 158 -2.82 0.77 -0.65
CA ILE A 158 -1.78 0.02 -1.34
C ILE A 158 -0.85 1.03 -1.99
N ILE A 159 0.46 0.85 -1.82
CA ILE A 159 1.45 1.80 -2.30
C ILE A 159 2.35 1.11 -3.31
N LEU A 160 2.60 1.80 -4.43
CA LEU A 160 3.53 1.33 -5.45
C LEU A 160 4.62 2.37 -5.61
N ARG A 161 5.88 1.98 -5.35
CA ARG A 161 6.99 2.90 -5.55
C ARG A 161 7.43 2.86 -7.00
N THR A 162 7.36 4.01 -7.68
CA THR A 162 7.68 4.10 -9.09
C THR A 162 9.04 4.72 -9.38
N GLU A 163 9.59 5.47 -8.43
CA GLU A 163 10.92 6.07 -8.58
C GLU A 163 11.62 6.12 -7.22
C ACE B 1 -6.23 12.24 -1.23
O ACE B 1 -6.73 13.14 -1.89
CH3 ACE B 1 -5.19 11.32 -1.83
C1 MEA B 2 -7.59 11.10 0.41
N MEA B 2 -6.53 12.01 0.04
CA MEA B 2 -5.71 12.69 1.05
C MEA B 2 -4.84 11.74 1.85
O MEA B 2 -5.33 10.85 2.54
CB MEA B 2 -6.57 13.65 1.89
CG MEA B 2 -7.35 13.09 3.06
CD1 MEA B 2 -8.71 12.86 2.94
CE1 MEA B 2 -9.45 12.34 3.99
CZ MEA B 2 -8.83 12.08 5.20
CE2 MEA B 2 -7.48 12.33 5.35
CD2 MEA B 2 -6.74 12.83 4.29
C YCP B 3 -2.01 13.30 3.00
N YCP B 3 -3.53 11.91 1.74
O YCP B 3 -2.72 14.29 3.11
CA YCP B 3 -2.67 11.95 2.91
CB YCP B 3 -1.67 10.79 2.82
CD YCP B 3 -2.05 10.77 0.33
CE YCP B 3 -2.77 12.09 0.51
CG YCP B 3 -1.03 10.61 1.44
N TRP B 4 -0.68 13.34 2.95
CA TRP B 4 0.13 14.44 3.46
C TRP B 4 -0.08 14.68 4.93
C CIR B 5 0.10 15.52 7.88
O CIR B 5 -0.65 14.86 8.59
CA CIR B 5 1.12 14.80 7.05
N CIR B 5 1.00 15.05 5.63
C3 CIR B 5 2.52 15.21 7.52
C4 CIR B 5 2.66 15.02 9.03
C5 CIR B 5 4.12 15.09 9.43
N6 CIR B 5 4.91 14.14 8.66
C7 CIR B 5 5.63 13.18 9.24
O7 CIR B 5 5.81 13.19 10.45
N8 CIR B 5 6.12 12.22 8.47
N NH2 B 6 0.02 16.84 7.81
O1 2PE C . -5.09 -12.37 3.08
C2 2PE C . -3.96 -12.57 3.88
C3 2PE C . -2.70 -12.10 3.13
O4 2PE C . -1.56 -12.40 3.87
C5 2PE C . -1.28 -13.77 3.94
C6 2PE C . 0.23 -13.98 4.13
O7 2PE C . 0.52 -15.34 3.96
C8 2PE C . 1.51 -15.64 3.01
C9 2PE C . 1.49 -14.69 1.82
O10 2PE C . 2.13 -15.28 0.73
C11 2PE C . 1.29 -15.40 -0.39
C12 2PE C . 1.86 -14.59 -1.55
O13 2PE C . 1.30 -13.30 -1.57
C14 2PE C . -0.10 -13.25 -1.58
C15 2PE C . -0.61 -12.50 -0.34
O16 2PE C . -0.56 -11.12 -0.57
C17 2PE C . 0.54 -10.50 0.03
C18 2PE C . 0.33 -8.99 0.16
O19 2PE C . 1.43 -8.32 -0.36
C20 2PE C . 1.12 -7.04 -0.83
C21 2PE C . 1.86 -6.75 -2.13
O22 2PE C . 3.23 -6.94 -1.96
C23 2PE C . 3.90 -7.29 -3.14
C24 2PE C . 5.29 -7.79 -2.78
O25 2PE C . 5.19 -8.90 -1.93
C1 GOL D . 16.41 2.20 -2.46
O1 GOL D . 16.98 1.09 -1.85
C2 GOL D . 16.47 1.97 -3.99
O2 GOL D . 17.77 1.77 -4.44
C3 GOL D . 15.61 0.73 -4.21
O3 GOL D . 15.13 0.79 -5.52
S SO4 E . 14.51 -4.48 10.12
O1 SO4 E . 14.30 -5.65 9.26
O2 SO4 E . 13.25 -3.78 10.32
O3 SO4 E . 15.48 -3.58 9.48
O4 SO4 E . 15.04 -4.93 11.41
#